data_4POZ
#
_entry.id   4POZ
#
_cell.length_a   67.020
_cell.length_b   121.829
_cell.length_c   55.041
_cell.angle_alpha   90.00
_cell.angle_beta   90.00
_cell.angle_gamma   90.00
#
_symmetry.space_group_name_H-M   'P 21 21 2'
#
loop_
_entity.id
_entity.type
_entity.pdbx_description
1 polymer 'light chain of Fab fragment of 10B9 antibody'
2 polymer 'heavy chain of Fab fragment of 10B9 antibody'
3 water water
#
loop_
_entity_poly.entity_id
_entity_poly.type
_entity_poly.pdbx_seq_one_letter_code
_entity_poly.pdbx_strand_id
1 'polypeptide(L)'
;DIQMTQTTSSLSASLGDGITISCRASQDISNYLNWYQQKPDGTVKLLIYYTSRLHSGVPSRFSGSGSGTDYSLTISNLEQ
EDIATYFCQQGNTLPYTFGGGTKLEIKRADAAPTVSIFPPSSEQLTSGGASVVCFLNNFYPKDINVKWKIDGSERQNGVL
NSWTDQDSKDSTYSMSSTLTLTKDEYERHNSYTCEATHKTSTSPIVKSFNR
;
C
2 'polypeptide(L)'
;EVQLVESGPSLVKPSQTLSLTCSVTGDSITSGFWNWIRKFPGNKLEFMGYITYSGTSYYKPSLKSRISITRDTSKNQYFL
QLNSVTAEDTATYYCARRGFLTTVNYYAMDYWGQGTSVTVSSAKTTPPSVYPLAPGSAAQTNSMVTLGCLVKGYFPEPVT
VTWNSGSLSSGVHTFPAVLQSDLYTLSSSVTVPSSTWPSETVTCNVAHPASSTKVDKKIVPR
;
D
#
# COMPACT_ATOMS: atom_id res chain seq x y z
N ASP A 1 8.24 9.76 -25.97
CA ASP A 1 7.90 8.54 -25.18
C ASP A 1 6.53 8.04 -25.62
N ILE A 2 6.28 6.74 -25.44
CA ILE A 2 5.00 6.15 -25.77
C ILE A 2 4.05 6.30 -24.62
N GLN A 3 2.92 6.94 -24.85
CA GLN A 3 1.89 7.06 -23.86
C GLN A 3 0.99 5.82 -23.92
N MET A 4 0.80 5.22 -22.73
CA MET A 4 -0.05 4.06 -22.55
C MET A 4 -1.27 4.47 -21.74
N THR A 5 -2.45 4.23 -22.29
CA THR A 5 -3.67 4.62 -21.61
C THR A 5 -4.50 3.41 -21.21
N GLN A 6 -4.76 3.30 -19.91
CA GLN A 6 -5.77 2.39 -19.41
C GLN A 6 -6.90 3.33 -19.01
N THR A 7 -7.92 3.42 -19.86
CA THR A 7 -9.02 4.36 -19.63
C THR A 7 -9.83 4.05 -18.39
N THR A 8 -9.98 2.76 -18.11
CA THR A 8 -10.76 2.34 -16.95
C THR A 8 -9.80 2.08 -15.79
N SER A 9 -9.93 2.87 -14.72
CA SER A 9 -8.99 2.78 -13.61
C SER A 9 -9.46 1.84 -12.51
N SER A 10 -10.74 1.46 -12.55
CA SER A 10 -11.25 0.47 -11.60
C SER A 10 -12.42 -0.28 -12.15
N LEU A 11 -12.56 -1.55 -11.71
CA LEU A 11 -13.62 -2.46 -12.11
C LEU A 11 -14.07 -3.28 -10.93
N SER A 12 -15.35 -3.58 -10.87
CA SER A 12 -15.86 -4.41 -9.78
C SER A 12 -16.63 -5.54 -10.47
N ALA A 13 -16.37 -6.79 -10.11
CA ALA A 13 -17.08 -7.88 -10.72
C ALA A 13 -17.26 -9.01 -9.73
N SER A 14 -18.12 -9.95 -10.07
CA SER A 14 -18.46 -11.05 -9.18
C SER A 14 -17.49 -12.18 -9.39
N LEU A 15 -17.37 -13.03 -8.36
CA LEU A 15 -16.58 -14.27 -8.55
C LEU A 15 -17.22 -15.11 -9.67
N GLY A 16 -16.36 -15.60 -10.53
CA GLY A 16 -16.78 -16.37 -11.68
C GLY A 16 -16.92 -15.54 -12.95
N ASP A 17 -17.11 -14.22 -12.85
CA ASP A 17 -17.31 -13.41 -14.03
C ASP A 17 -16.04 -13.42 -14.86
N GLY A 18 -16.23 -13.17 -16.13
CA GLY A 18 -15.13 -12.83 -17.06
C GLY A 18 -14.90 -11.35 -17.00
N ILE A 19 -13.65 -10.90 -17.03
CA ILE A 19 -13.40 -9.46 -17.12
C ILE A 19 -12.27 -9.22 -18.13
N THR A 20 -12.33 -8.01 -18.66
CA THR A 20 -11.36 -7.54 -19.61
C THR A 20 -10.82 -6.21 -19.17
N ILE A 21 -9.50 -6.08 -19.25
CA ILE A 21 -8.80 -4.83 -18.97
C ILE A 21 -8.06 -4.42 -20.24
N SER A 22 -8.13 -3.15 -20.58
CA SER A 22 -7.64 -2.70 -21.87
C SER A 22 -6.72 -1.55 -21.83
N CYS A 23 -5.82 -1.54 -22.80
CA CYS A 23 -4.67 -0.65 -22.84
C CYS A 23 -4.60 -0.11 -24.27
N ARG A 24 -4.40 1.19 -24.45
CA ARG A 24 -4.20 1.74 -25.80
C ARG A 24 -2.87 2.53 -25.80
N ALA A 25 -2.00 2.23 -26.76
CA ALA A 25 -0.76 2.95 -26.96
C ALA A 25 -0.90 4.14 -27.92
N SER A 26 0.02 5.09 -27.82
CA SER A 26 0.05 6.24 -28.76
C SER A 26 0.64 5.90 -30.14
N GLN A 27 1.15 4.67 -30.26
CA GLN A 27 1.72 4.25 -31.58
C GLN A 27 1.61 2.77 -31.69
N ASP A 28 1.89 2.30 -32.89
CA ASP A 28 1.94 0.86 -33.12
C ASP A 28 3.14 0.28 -32.29
N ILE A 29 2.86 -0.64 -31.35
CA ILE A 29 3.92 -1.20 -30.50
C ILE A 29 4.26 -2.69 -30.88
N SER A 30 3.73 -3.14 -32.02
CA SER A 30 4.12 -4.41 -32.66
C SER A 30 4.04 -5.60 -31.72
N ASN A 31 2.98 -5.66 -30.90
CA ASN A 31 2.75 -6.73 -29.98
C ASN A 31 3.66 -6.79 -28.76
N TYR A 32 4.59 -5.87 -28.61
CA TYR A 32 5.46 -5.80 -27.41
C TYR A 32 4.69 -5.16 -26.27
N LEU A 33 3.76 -5.91 -25.72
CA LEU A 33 2.91 -5.40 -24.67
C LEU A 33 2.86 -6.48 -23.59
N ASN A 34 3.24 -6.11 -22.37
CA ASN A 34 3.28 -7.01 -21.22
C ASN A 34 2.29 -6.50 -20.13
N TRP A 35 1.82 -7.44 -19.33
CA TRP A 35 0.88 -7.17 -18.26
C TRP A 35 1.43 -7.64 -16.93
N TYR A 36 1.25 -6.80 -15.92
CA TYR A 36 1.66 -7.06 -14.57
C TYR A 36 0.53 -7.01 -13.59
N GLN A 37 0.66 -7.77 -12.51
CA GLN A 37 -0.27 -7.73 -11.42
C GLN A 37 0.41 -7.25 -10.18
N GLN A 38 -0.17 -6.25 -9.50
CA GLN A 38 0.38 -5.84 -8.21
C GLN A 38 -0.69 -6.06 -7.17
N LYS A 39 -0.41 -6.97 -6.28
CA LYS A 39 -1.37 -7.22 -5.17
C LYS A 39 -1.32 -6.14 -4.12
N PRO A 40 -2.39 -6.05 -3.30
CA PRO A 40 -2.44 -4.93 -2.36
C PRO A 40 -1.21 -4.86 -1.39
N ASP A 41 -0.60 -5.99 -1.04
CA ASP A 41 0.69 -5.93 -0.30
C ASP A 41 1.89 -5.33 -1.07
N GLY A 42 1.72 -5.11 -2.38
CA GLY A 42 2.73 -4.38 -3.13
C GLY A 42 3.59 -5.28 -4.02
N THR A 43 3.43 -6.59 -3.97
CA THR A 43 4.34 -7.52 -4.74
C THR A 43 3.94 -7.43 -6.24
N VAL A 44 4.86 -7.21 -7.17
CA VAL A 44 4.57 -7.04 -8.61
C VAL A 44 5.01 -8.28 -9.33
N LYS A 45 4.13 -8.83 -10.15
CA LYS A 45 4.44 -10.08 -10.88
C LYS A 45 4.11 -9.89 -12.37
N LEU A 46 4.93 -10.51 -13.19
CA LEU A 46 4.68 -10.58 -14.63
C LEU A 46 3.62 -11.68 -14.89
N LEU A 47 2.53 -11.31 -15.56
CA LEU A 47 1.52 -12.31 -15.97
C LEU A 47 1.60 -12.72 -17.43
N ILE A 48 1.64 -11.73 -18.32
CA ILE A 48 1.60 -12.00 -19.76
C ILE A 48 2.65 -11.17 -20.44
N TYR A 49 3.30 -11.79 -21.39
CA TYR A 49 4.33 -11.08 -22.24
C TYR A 49 4.03 -11.25 -23.75
N TYR A 50 4.52 -10.30 -24.56
CA TYR A 50 4.32 -10.33 -25.96
C TYR A 50 2.87 -10.55 -26.35
N THR A 51 1.99 -9.76 -25.69
CA THR A 51 0.57 -9.68 -25.92
C THR A 51 -0.22 -10.84 -25.33
N SER A 52 0.17 -12.09 -25.62
CA SER A 52 -0.68 -13.22 -25.29
C SER A 52 0.04 -14.41 -24.66
N ARG A 53 1.33 -14.31 -24.41
CA ARG A 53 2.06 -15.47 -23.87
C ARG A 53 2.06 -15.50 -22.32
N LEU A 54 1.67 -16.62 -21.70
CA LEU A 54 1.61 -16.71 -20.28
C LEU A 54 2.95 -16.96 -19.68
N HIS A 55 3.28 -16.15 -18.68
CA HIS A 55 4.55 -16.36 -17.94
C HIS A 55 4.49 -17.64 -17.10
N SER A 56 5.67 -18.27 -16.97
CA SER A 56 5.80 -19.56 -16.30
C SER A 56 5.07 -19.47 -15.00
N GLY A 57 4.14 -20.40 -14.76
CA GLY A 57 3.46 -20.41 -13.46
C GLY A 57 2.18 -19.65 -13.35
N VAL A 58 1.85 -18.83 -14.33
CA VAL A 58 0.61 -18.09 -14.31
C VAL A 58 -0.56 -18.95 -14.76
N PRO A 59 -1.72 -18.91 -14.06
CA PRO A 59 -2.83 -19.80 -14.43
C PRO A 59 -3.39 -19.48 -15.81
N SER A 60 -3.90 -20.51 -16.44
CA SER A 60 -4.50 -20.37 -17.76
C SER A 60 -5.82 -19.63 -17.78
N ARG A 61 -6.32 -19.16 -16.62
CA ARG A 61 -7.47 -18.25 -16.59
C ARG A 61 -7.10 -16.88 -17.19
N PHE A 62 -5.81 -16.56 -17.21
CA PHE A 62 -5.35 -15.31 -17.80
C PHE A 62 -5.04 -15.53 -19.31
N SER A 63 -5.47 -14.59 -20.15
CA SER A 63 -5.07 -14.56 -21.54
C SER A 63 -4.92 -13.10 -21.99
N GLY A 64 -4.36 -12.93 -23.17
CA GLY A 64 -4.22 -11.58 -23.71
C GLY A 64 -4.33 -11.58 -25.19
N SER A 65 -4.75 -10.46 -25.73
CA SER A 65 -4.94 -10.31 -27.15
C SER A 65 -4.64 -8.88 -27.56
N GLY A 66 -4.49 -8.66 -28.88
CA GLY A 66 -4.28 -7.28 -29.38
C GLY A 66 -3.32 -7.16 -30.53
N SER A 67 -3.21 -5.97 -31.10
CA SER A 67 -2.37 -5.70 -32.27
C SER A 67 -2.38 -4.17 -32.43
N GLY A 68 -1.38 -3.61 -33.08
CA GLY A 68 -1.38 -2.17 -33.38
C GLY A 68 -1.29 -1.41 -32.11
N THR A 69 -2.29 -0.59 -31.80
CA THR A 69 -2.25 0.22 -30.58
C THR A 69 -3.03 -0.40 -29.42
N ASP A 70 -3.93 -1.33 -29.72
CA ASP A 70 -4.91 -1.80 -28.74
C ASP A 70 -4.69 -3.22 -28.23
N TYR A 71 -4.66 -3.35 -26.91
CA TYR A 71 -4.39 -4.62 -26.22
C TYR A 71 -5.34 -4.83 -25.06
N SER A 72 -5.60 -6.11 -24.79
N SER A 72 -5.57 -6.10 -24.76
CA SER A 72 -6.50 -6.53 -23.71
CA SER A 72 -6.40 -6.43 -23.61
C SER A 72 -5.88 -7.64 -22.88
C SER A 72 -5.98 -7.69 -22.88
N LEU A 73 -6.17 -7.65 -21.56
CA LEU A 73 -5.94 -8.78 -20.69
C LEU A 73 -7.30 -9.28 -20.27
N THR A 74 -7.55 -10.60 -20.31
CA THR A 74 -8.83 -11.19 -19.94
C THR A 74 -8.65 -12.25 -18.85
N ILE A 75 -9.54 -12.25 -17.85
CA ILE A 75 -9.54 -13.33 -16.83
C ILE A 75 -10.84 -14.08 -17.14
N SER A 76 -10.74 -15.39 -17.38
CA SER A 76 -11.92 -16.18 -17.76
C SER A 76 -12.96 -16.28 -16.61
N ASN A 77 -12.50 -16.59 -15.38
CA ASN A 77 -13.41 -16.69 -14.22
C ASN A 77 -12.70 -16.04 -13.05
N LEU A 78 -13.25 -14.95 -12.56
CA LEU A 78 -12.57 -14.24 -11.50
C LEU A 78 -12.51 -15.10 -10.26
N GLU A 79 -11.40 -15.07 -9.57
CA GLU A 79 -11.26 -15.78 -8.29
C GLU A 79 -10.83 -14.79 -7.20
N GLN A 80 -11.03 -15.19 -5.97
CA GLN A 80 -10.73 -14.35 -4.81
C GLN A 80 -9.32 -13.78 -4.83
N GLU A 81 -8.35 -14.58 -5.22
CA GLU A 81 -6.98 -14.11 -5.21
C GLU A 81 -6.65 -13.07 -6.33
N ASP A 82 -7.61 -12.72 -7.18
CA ASP A 82 -7.31 -11.83 -8.31
C ASP A 82 -7.43 -10.34 -7.90
N ILE A 83 -7.78 -10.05 -6.65
CA ILE A 83 -7.89 -8.67 -6.20
C ILE A 83 -6.50 -8.07 -6.31
N ALA A 84 -6.37 -7.03 -7.14
CA ALA A 84 -5.05 -6.50 -7.46
C ALA A 84 -5.26 -5.32 -8.40
N THR A 85 -4.19 -4.63 -8.70
CA THR A 85 -4.13 -3.65 -9.75
C THR A 85 -3.28 -4.17 -10.89
N TYR A 86 -3.79 -4.01 -12.11
CA TYR A 86 -3.17 -4.56 -13.29
C TYR A 86 -2.63 -3.43 -14.16
N PHE A 87 -1.37 -3.55 -14.59
CA PHE A 87 -0.70 -2.52 -15.40
C PHE A 87 -0.20 -3.11 -16.72
N CYS A 88 -0.37 -2.36 -17.81
CA CYS A 88 0.29 -2.72 -19.07
C CYS A 88 1.64 -2.00 -19.20
N GLN A 89 2.52 -2.52 -20.05
CA GLN A 89 3.81 -1.96 -20.30
C GLN A 89 4.20 -2.20 -21.73
N GLN A 90 4.60 -1.17 -22.43
CA GLN A 90 5.13 -1.40 -23.77
C GLN A 90 6.61 -1.66 -23.67
N GLY A 91 7.04 -2.59 -24.54
CA GLY A 91 8.42 -2.96 -24.72
C GLY A 91 8.94 -2.68 -26.11
N ASN A 92 8.26 -1.82 -26.89
CA ASN A 92 8.67 -1.57 -28.27
C ASN A 92 9.82 -0.60 -28.27
N THR A 93 9.80 0.43 -27.42
CA THR A 93 10.80 1.48 -27.54
C THR A 93 11.16 1.98 -26.15
N LEU A 94 12.46 2.14 -25.92
CA LEU A 94 12.91 2.70 -24.64
C LEU A 94 12.62 4.20 -24.64
N PRO A 95 12.33 4.79 -23.44
CA PRO A 95 12.13 4.09 -22.17
C PRO A 95 10.82 3.34 -22.11
N TYR A 96 10.82 2.15 -21.52
CA TYR A 96 9.60 1.41 -21.35
C TYR A 96 8.59 2.27 -20.60
N THR A 97 7.35 2.25 -21.01
CA THR A 97 6.31 3.01 -20.40
C THR A 97 5.12 2.11 -20.01
N PHE A 98 4.35 2.58 -19.00
CA PHE A 98 3.28 1.82 -18.39
C PHE A 98 1.96 2.53 -18.43
N GLY A 99 0.89 1.74 -18.50
CA GLY A 99 -0.45 2.25 -18.29
C GLY A 99 -0.63 2.64 -16.84
N GLY A 100 -1.70 3.39 -16.57
CA GLY A 100 -2.01 3.92 -15.25
C GLY A 100 -2.53 2.94 -14.22
N GLY A 101 -2.87 1.74 -14.68
CA GLY A 101 -3.38 0.67 -13.83
C GLY A 101 -4.90 0.59 -13.77
N THR A 102 -5.39 -0.62 -13.51
CA THR A 102 -6.82 -0.86 -13.32
C THR A 102 -6.98 -1.71 -12.05
N LYS A 103 -7.67 -1.17 -11.07
CA LYS A 103 -7.81 -1.80 -9.81
C LYS A 103 -9.05 -2.68 -9.88
N LEU A 104 -8.93 -3.94 -9.54
CA LEU A 104 -10.04 -4.87 -9.66
C LEU A 104 -10.54 -5.20 -8.28
N GLU A 105 -11.84 -5.01 -8.09
CA GLU A 105 -12.44 -5.40 -6.84
C GLU A 105 -13.50 -6.46 -7.06
N ILE A 106 -13.64 -7.34 -6.09
CA ILE A 106 -14.47 -8.53 -6.25
C ILE A 106 -15.70 -8.44 -5.37
N LYS A 107 -16.87 -8.47 -6.02
CA LYS A 107 -18.17 -8.53 -5.26
C LYS A 107 -18.27 -9.72 -4.33
N ARG A 108 -18.98 -9.51 -3.25
CA ARG A 108 -19.31 -10.57 -2.34
C ARG A 108 -20.61 -10.18 -1.77
N ALA A 109 -21.19 -11.14 -1.04
CA ALA A 109 -22.44 -10.93 -0.34
C ALA A 109 -22.28 -9.79 0.66
N ASP A 110 -23.32 -8.98 0.79
CA ASP A 110 -23.32 -7.93 1.76
C ASP A 110 -23.03 -8.47 3.18
N ALA A 111 -22.32 -7.69 4.00
CA ALA A 111 -21.88 -8.12 5.29
C ALA A 111 -21.92 -6.94 6.23
N ALA A 112 -22.59 -7.11 7.37
CA ALA A 112 -22.68 -6.11 8.36
C ALA A 112 -21.34 -5.88 9.08
N PRO A 113 -21.00 -4.63 9.41
CA PRO A 113 -19.77 -4.37 10.23
C PRO A 113 -19.81 -4.84 11.64
N THR A 114 -18.65 -5.16 12.17
CA THR A 114 -18.50 -5.39 13.58
C THR A 114 -17.99 -4.08 14.14
N VAL A 115 -18.68 -3.53 15.12
CA VAL A 115 -18.32 -2.17 15.57
C VAL A 115 -17.70 -2.19 16.99
N SER A 116 -16.67 -1.39 17.20
CA SER A 116 -15.96 -1.25 18.46
C SER A 116 -15.67 0.22 18.71
N ILE A 117 -15.77 0.68 19.93
CA ILE A 117 -15.43 2.06 20.26
C ILE A 117 -14.41 2.10 21.44
N PHE A 118 -13.52 3.09 21.38
CA PHE A 118 -12.46 3.30 22.37
C PHE A 118 -12.31 4.73 22.79
N PRO A 119 -12.46 4.98 24.09
CA PRO A 119 -12.21 6.30 24.61
C PRO A 119 -10.73 6.60 24.45
N PRO A 120 -10.34 7.87 24.63
CA PRO A 120 -8.91 8.26 24.72
C PRO A 120 -8.17 7.46 25.75
N SER A 121 -6.95 7.10 25.40
CA SER A 121 -6.07 6.43 26.34
C SER A 121 -5.69 7.37 27.44
N SER A 122 -5.39 6.84 28.64
CA SER A 122 -4.88 7.71 29.70
C SER A 122 -3.55 8.38 29.28
N GLU A 123 -2.73 7.69 28.49
CA GLU A 123 -1.48 8.32 28.05
C GLU A 123 -1.65 9.51 27.14
N GLN A 124 -2.56 9.42 26.21
CA GLN A 124 -2.84 10.54 25.36
C GLN A 124 -3.44 11.71 26.16
N LEU A 125 -4.33 11.41 27.09
CA LEU A 125 -4.98 12.45 27.89
C LEU A 125 -3.94 13.18 28.75
N THR A 126 -2.93 12.46 29.23
CA THR A 126 -1.82 13.11 29.94
C THR A 126 -1.09 14.17 29.12
N SER A 127 -1.09 13.99 27.81
N SER A 127 -1.13 14.00 27.81
CA SER A 127 -0.39 14.90 26.91
CA SER A 127 -0.43 14.86 26.88
C SER A 127 -1.24 16.12 26.54
C SER A 127 -1.29 15.94 26.29
N GLY A 128 -2.55 16.05 26.75
CA GLY A 128 -3.45 17.16 26.32
C GLY A 128 -4.39 16.88 25.13
N GLY A 129 -4.30 15.70 24.53
CA GLY A 129 -5.15 15.32 23.38
C GLY A 129 -6.17 14.27 23.75
N ALA A 130 -7.19 14.08 22.91
CA ALA A 130 -8.25 13.12 23.18
C ALA A 130 -8.77 12.67 21.82
N SER A 131 -8.30 11.51 21.40
CA SER A 131 -8.82 10.88 20.19
C SER A 131 -9.76 9.77 20.61
N VAL A 132 -10.98 9.76 20.06
CA VAL A 132 -11.93 8.73 20.28
C VAL A 132 -12.01 7.93 18.94
N VAL A 133 -11.94 6.62 19.06
CA VAL A 133 -11.78 5.74 17.87
C VAL A 133 -12.90 4.75 17.73
N CYS A 134 -13.52 4.62 16.54
CA CYS A 134 -14.48 3.56 16.26
C CYS A 134 -13.91 2.75 15.10
N PHE A 135 -13.84 1.45 15.28
CA PHE A 135 -13.58 0.53 14.17
C PHE A 135 -14.91 -0.09 13.68
N LEU A 136 -15.06 -0.16 12.36
CA LEU A 136 -16.15 -0.78 11.71
C LEU A 136 -15.48 -1.82 10.82
N ASN A 137 -15.50 -3.06 11.26
CA ASN A 137 -14.65 -4.08 10.60
C ASN A 137 -15.48 -5.14 9.84
N ASN A 138 -14.89 -5.58 8.73
CA ASN A 138 -15.30 -6.78 7.99
C ASN A 138 -16.68 -6.66 7.43
N PHE A 139 -16.88 -5.60 6.63
CA PHE A 139 -18.14 -5.25 6.03
C PHE A 139 -18.08 -5.16 4.47
N TYR A 140 -19.25 -5.16 3.83
CA TYR A 140 -19.36 -5.09 2.39
C TYR A 140 -20.81 -4.71 2.09
N PRO A 141 -21.03 -3.75 1.19
CA PRO A 141 -20.10 -3.03 0.33
C PRO A 141 -19.28 -1.94 1.03
N LYS A 142 -18.33 -1.38 0.30
CA LYS A 142 -17.39 -0.45 0.86
C LYS A 142 -17.98 0.87 1.37
N ASP A 143 -19.00 1.36 0.67
CA ASP A 143 -19.64 2.68 1.03
C ASP A 143 -20.28 2.57 2.42
N ILE A 144 -19.89 3.46 3.29
CA ILE A 144 -20.45 3.49 4.64
C ILE A 144 -20.35 4.92 5.10
N ASN A 145 -21.36 5.38 5.85
CA ASN A 145 -21.41 6.75 6.24
C ASN A 145 -21.26 6.76 7.72
N VAL A 146 -20.24 7.40 8.25
CA VAL A 146 -20.01 7.46 9.70
C VAL A 146 -20.21 8.90 10.22
N LYS A 147 -20.90 9.05 11.34
CA LYS A 147 -21.15 10.36 11.96
C LYS A 147 -20.80 10.19 13.43
N TRP A 148 -20.28 11.22 14.04
CA TRP A 148 -20.06 11.27 15.45
C TRP A 148 -21.06 12.18 16.11
N LYS A 149 -21.51 11.81 17.31
CA LYS A 149 -22.36 12.68 18.09
C LYS A 149 -21.69 12.83 19.46
N ILE A 150 -21.74 14.04 19.96
CA ILE A 150 -21.25 14.41 21.29
C ILE A 150 -22.44 14.97 22.07
N ASP A 151 -22.75 14.36 23.20
CA ASP A 151 -23.94 14.68 23.99
C ASP A 151 -25.17 14.80 23.08
N GLY A 152 -25.25 13.87 22.14
CA GLY A 152 -26.37 13.79 21.24
C GLY A 152 -26.44 14.63 19.98
N SER A 153 -25.45 15.48 19.72
N SER A 153 -25.47 15.52 19.74
CA SER A 153 -25.48 16.28 18.54
CA SER A 153 -25.44 16.32 18.54
C SER A 153 -24.28 16.02 17.66
C SER A 153 -24.27 16.00 17.66
N GLU A 154 -24.51 16.09 16.36
CA GLU A 154 -23.53 15.74 15.38
C GLU A 154 -22.35 16.67 15.45
N ARG A 155 -21.19 16.05 15.40
CA ARG A 155 -19.90 16.72 15.33
C ARG A 155 -19.21 16.37 14.04
N GLN A 156 -19.16 17.32 13.11
CA GLN A 156 -18.62 17.10 11.75
C GLN A 156 -17.12 17.15 11.66
N ASN A 157 -16.48 18.08 12.39
CA ASN A 157 -15.07 18.22 12.27
C ASN A 157 -14.18 17.66 13.39
N GLY A 158 -12.88 17.49 13.09
CA GLY A 158 -11.98 16.70 13.92
C GLY A 158 -12.07 15.19 13.61
N VAL A 159 -12.87 14.82 12.61
CA VAL A 159 -13.01 13.38 12.26
C VAL A 159 -12.13 13.00 11.10
N LEU A 160 -11.38 11.91 11.24
CA LEU A 160 -10.52 11.36 10.16
C LEU A 160 -10.90 9.90 9.96
N ASN A 161 -11.26 9.55 8.72
CA ASN A 161 -11.74 8.23 8.36
C ASN A 161 -10.76 7.57 7.38
N SER A 162 -10.45 6.28 7.56
CA SER A 162 -9.53 5.55 6.67
C SER A 162 -10.02 4.14 6.44
N TRP A 163 -10.15 3.74 5.18
CA TRP A 163 -10.56 2.39 4.81
C TRP A 163 -9.37 1.53 4.47
N THR A 164 -9.46 0.26 4.81
CA THR A 164 -8.50 -0.73 4.30
C THR A 164 -8.78 -0.99 2.83
N ASP A 165 -7.78 -1.50 2.13
CA ASP A 165 -8.03 -2.09 0.80
C ASP A 165 -8.86 -3.33 0.99
N GLN A 166 -9.50 -3.76 -0.08
CA GLN A 166 -10.30 -4.95 0.00
C GLN A 166 -9.47 -6.14 0.44
N ASP A 167 -10.01 -6.91 1.38
CA ASP A 167 -9.28 -8.02 1.97
C ASP A 167 -9.23 -9.14 0.94
N SER A 168 -8.03 -9.54 0.53
CA SER A 168 -7.87 -10.62 -0.47
C SER A 168 -8.39 -12.01 -0.05
N LYS A 169 -8.57 -12.25 1.24
CA LYS A 169 -9.18 -13.50 1.66
C LYS A 169 -10.72 -13.57 1.71
N ASP A 170 -11.37 -12.50 2.13
CA ASP A 170 -12.81 -12.50 2.27
C ASP A 170 -13.58 -11.42 1.54
N SER A 171 -12.84 -10.54 0.89
CA SER A 171 -13.49 -9.52 0.09
C SER A 171 -14.18 -8.43 0.86
N THR A 172 -13.98 -8.41 2.17
CA THR A 172 -14.59 -7.32 3.00
C THR A 172 -13.66 -6.13 3.11
N TYR A 173 -14.22 -5.06 3.65
CA TYR A 173 -13.51 -3.88 3.96
C TYR A 173 -13.61 -3.66 5.45
N SER A 174 -12.71 -2.82 5.91
CA SER A 174 -12.76 -2.34 7.25
C SER A 174 -12.46 -0.85 7.26
N MET A 175 -12.98 -0.14 8.26
CA MET A 175 -12.58 1.25 8.35
C MET A 175 -12.45 1.73 9.77
N SER A 176 -11.63 2.75 9.96
N SER A 176 -11.62 2.74 9.98
CA SER A 176 -11.42 3.42 11.24
CA SER A 176 -11.45 3.41 11.26
C SER A 176 -11.98 4.81 11.17
C SER A 176 -11.94 4.82 11.18
N SER A 177 -12.61 5.32 12.23
CA SER A 177 -13.04 6.72 12.29
C SER A 177 -12.55 7.20 13.62
N THR A 178 -11.78 8.27 13.57
CA THR A 178 -11.16 8.88 14.72
C THR A 178 -11.63 10.31 14.84
N LEU A 179 -12.22 10.64 16.00
CA LEU A 179 -12.57 12.00 16.37
C LEU A 179 -11.51 12.53 17.27
N THR A 180 -10.84 13.64 16.89
CA THR A 180 -9.80 14.16 17.76
C THR A 180 -10.19 15.50 18.27
N LEU A 181 -10.08 15.64 19.59
CA LEU A 181 -10.38 16.89 20.32
C LEU A 181 -9.20 17.20 21.21
N THR A 182 -9.19 18.37 21.89
CA THR A 182 -8.26 18.56 22.99
C THR A 182 -8.84 17.88 24.23
N LYS A 183 -7.99 17.66 25.25
CA LYS A 183 -8.44 17.13 26.53
C LYS A 183 -9.49 18.05 27.08
N ASP A 184 -9.23 19.35 27.04
CA ASP A 184 -10.17 20.30 27.62
C ASP A 184 -11.52 20.19 26.94
N GLU A 185 -11.55 20.07 25.63
CA GLU A 185 -12.82 19.94 24.90
C GLU A 185 -13.52 18.62 25.26
N TYR A 186 -12.72 17.54 25.33
CA TYR A 186 -13.20 16.17 25.66
C TYR A 186 -13.87 16.15 27.03
N GLU A 187 -13.30 16.89 27.97
CA GLU A 187 -13.81 16.89 29.31
C GLU A 187 -15.08 17.73 29.51
N ARG A 188 -15.44 18.52 28.53
CA ARG A 188 -16.68 19.29 28.60
C ARG A 188 -17.95 18.51 28.35
N HIS A 189 -17.82 17.30 27.84
CA HIS A 189 -18.98 16.53 27.35
C HIS A 189 -18.90 15.12 27.93
N ASN A 190 -20.03 14.44 27.91
CA ASN A 190 -20.13 13.11 28.51
C ASN A 190 -20.27 11.94 27.50
N SER A 191 -21.27 12.05 26.63
CA SER A 191 -21.63 10.99 25.71
C SER A 191 -20.90 11.14 24.36
N TYR A 192 -20.20 10.10 23.95
CA TYR A 192 -19.56 10.05 22.63
C TYR A 192 -20.06 8.84 21.87
N THR A 193 -20.57 9.05 20.68
CA THR A 193 -21.29 8.05 19.89
C THR A 193 -20.79 8.06 18.46
N CYS A 194 -20.46 6.86 17.95
CA CYS A 194 -20.28 6.75 16.55
C CYS A 194 -21.43 5.96 15.96
N GLU A 195 -21.98 6.55 14.89
CA GLU A 195 -23.19 6.10 14.28
C GLU A 195 -22.89 5.88 12.79
N ALA A 196 -23.09 4.70 12.28
CA ALA A 196 -22.82 4.44 10.86
C ALA A 196 -24.08 3.92 10.17
N THR A 197 -24.23 4.33 8.92
CA THR A 197 -25.33 3.82 8.12
C THR A 197 -24.72 3.05 6.96
N HIS A 198 -25.31 1.93 6.72
CA HIS A 198 -24.75 0.95 5.76
C HIS A 198 -25.91 0.18 5.18
N LYS A 199 -25.75 -0.33 3.98
CA LYS A 199 -26.87 -0.98 3.30
C LYS A 199 -27.36 -2.27 4.00
N THR A 200 -26.56 -2.85 4.89
CA THR A 200 -26.92 -4.09 5.55
C THR A 200 -27.97 -3.94 6.66
N SER A 201 -28.33 -2.72 7.06
CA SER A 201 -29.44 -2.55 7.99
C SER A 201 -30.19 -1.24 7.73
N THR A 202 -31.48 -1.24 8.06
N THR A 202 -31.49 -1.25 8.04
CA THR A 202 -32.23 0.01 8.01
CA THR A 202 -32.27 -0.02 8.04
C THR A 202 -32.02 0.86 9.24
C THR A 202 -31.92 0.87 9.22
N SER A 203 -31.59 0.25 10.34
CA SER A 203 -31.22 1.02 11.52
C SER A 203 -29.74 1.39 11.41
N PRO A 204 -29.35 2.57 11.93
CA PRO A 204 -27.93 2.79 12.09
C PRO A 204 -27.23 1.85 13.09
N ILE A 205 -25.95 1.67 12.87
CA ILE A 205 -25.05 1.04 13.80
C ILE A 205 -24.69 2.12 14.76
N VAL A 206 -24.86 1.90 16.03
CA VAL A 206 -24.69 2.92 17.06
C VAL A 206 -23.83 2.29 18.11
N LYS A 207 -22.72 2.93 18.47
CA LYS A 207 -21.87 2.45 19.54
C LYS A 207 -21.44 3.68 20.35
N SER A 208 -21.61 3.65 21.67
N SER A 208 -21.60 3.62 21.67
CA SER A 208 -21.44 4.87 22.52
CA SER A 208 -21.37 4.79 22.53
C SER A 208 -20.80 4.52 23.85
C SER A 208 -20.52 4.46 23.74
N PHE A 209 -20.11 5.51 24.44
CA PHE A 209 -19.73 5.40 25.86
C PHE A 209 -19.92 6.76 26.49
N ASN A 210 -20.00 6.76 27.82
CA ASN A 210 -20.02 7.98 28.57
C ASN A 210 -18.67 8.14 29.26
N ARG A 211 -18.09 9.32 29.15
CA ARG A 211 -16.79 9.64 29.76
C ARG A 211 -16.91 9.46 31.27
N GLU B 1 17.24 -19.60 -7.23
CA GLU B 1 15.99 -18.82 -7.62
C GLU B 1 16.17 -17.36 -7.12
N VAL B 2 16.06 -16.40 -8.03
CA VAL B 2 16.46 -15.03 -7.77
C VAL B 2 15.66 -14.40 -6.63
N GLN B 3 16.34 -13.54 -5.88
CA GLN B 3 15.59 -12.62 -4.97
C GLN B 3 16.27 -11.31 -5.16
N LEU B 4 15.48 -10.24 -5.03
CA LEU B 4 15.94 -8.88 -5.14
C LEU B 4 15.51 -8.06 -3.92
N VAL B 5 16.47 -7.32 -3.36
CA VAL B 5 16.19 -6.42 -2.23
C VAL B 5 16.69 -5.01 -2.43
N GLU B 6 15.76 -4.08 -2.36
CA GLU B 6 16.10 -2.67 -2.44
C GLU B 6 16.43 -2.23 -1.05
N SER B 7 17.38 -1.31 -0.92
CA SER B 7 17.69 -0.77 0.39
C SER B 7 18.18 0.63 0.24
N GLY B 8 18.05 1.39 1.31
CA GLY B 8 18.64 2.72 1.35
C GLY B 8 17.81 3.64 2.26
N PRO B 9 18.22 4.94 2.37
CA PRO B 9 17.55 5.83 3.31
C PRO B 9 16.10 6.01 2.89
N SER B 10 15.22 6.23 3.89
CA SER B 10 13.77 6.47 3.67
C SER B 10 13.42 7.93 3.56
N LEU B 11 14.36 8.82 3.97
CA LEU B 11 14.13 10.25 3.94
C LEU B 11 15.43 10.96 3.53
N VAL B 12 15.33 11.78 2.50
CA VAL B 12 16.47 12.49 1.98
C VAL B 12 16.02 13.96 1.78
N LYS B 13 16.91 14.94 2.01
CA LYS B 13 16.53 16.37 1.80
C LYS B 13 16.63 16.80 0.34
N PRO B 14 15.77 17.70 -0.09
CA PRO B 14 15.96 18.30 -1.41
C PRO B 14 17.41 18.83 -1.58
N SER B 15 17.92 18.67 -2.79
CA SER B 15 19.28 19.04 -3.24
C SER B 15 20.27 17.91 -2.97
N GLN B 16 19.90 16.93 -2.13
CA GLN B 16 20.88 15.92 -1.83
C GLN B 16 20.81 14.80 -2.82
N THR B 17 21.71 13.82 -2.66
CA THR B 17 21.76 12.68 -3.52
C THR B 17 21.02 11.53 -2.88
N LEU B 18 20.12 10.92 -3.64
N LEU B 18 20.18 10.88 -3.66
CA LEU B 18 19.52 9.65 -3.28
CA LEU B 18 19.46 9.68 -3.27
C LEU B 18 20.40 8.52 -3.72
C LEU B 18 20.25 8.46 -3.74
N SER B 19 20.67 7.60 -2.82
CA SER B 19 21.52 6.47 -3.14
C SER B 19 20.85 5.16 -2.68
N LEU B 20 20.47 4.30 -3.63
CA LEU B 20 19.87 3.01 -3.26
C LEU B 20 20.69 1.84 -3.74
N THR B 21 20.46 0.69 -3.11
CA THR B 21 21.13 -0.54 -3.46
C THR B 21 20.11 -1.61 -3.75
N CYS B 22 20.38 -2.40 -4.80
CA CYS B 22 19.66 -3.63 -5.03
C CYS B 22 20.66 -4.75 -4.80
N SER B 23 20.31 -5.64 -3.87
CA SER B 23 21.14 -6.79 -3.59
C SER B 23 20.44 -7.99 -4.18
N VAL B 24 21.14 -8.65 -5.08
CA VAL B 24 20.61 -9.79 -5.80
C VAL B 24 21.21 -11.04 -5.20
N THR B 25 20.34 -11.97 -4.86
CA THR B 25 20.72 -13.33 -4.46
C THR B 25 20.06 -14.41 -5.33
N GLY B 26 20.74 -15.57 -5.46
CA GLY B 26 20.14 -16.62 -6.27
C GLY B 26 20.26 -16.46 -7.75
N ASP B 27 21.12 -15.57 -8.18
CA ASP B 27 21.38 -15.32 -9.55
C ASP B 27 22.61 -14.39 -9.61
N SER B 28 23.08 -14.09 -10.81
CA SER B 28 24.29 -13.33 -10.96
C SER B 28 24.01 -12.21 -11.92
N ILE B 29 24.47 -10.99 -11.56
CA ILE B 29 24.26 -9.83 -12.39
C ILE B 29 25.12 -9.72 -13.66
N THR B 30 25.99 -10.70 -13.90
CA THR B 30 26.85 -10.71 -15.09
C THR B 30 26.14 -11.42 -16.24
N SER B 31 24.85 -11.65 -16.10
CA SER B 31 23.97 -12.19 -17.12
C SER B 31 22.61 -11.46 -17.03
N GLY B 32 22.03 -11.09 -18.16
CA GLY B 32 20.78 -10.38 -18.18
C GLY B 32 20.89 -8.88 -17.93
N PHE B 33 19.73 -8.27 -17.72
CA PHE B 33 19.56 -6.83 -17.58
C PHE B 33 18.94 -6.51 -16.23
N TRP B 34 19.39 -5.44 -15.59
CA TRP B 34 19.07 -5.18 -14.15
C TRP B 34 18.62 -3.76 -14.11
N ASN B 35 17.36 -3.61 -13.79
CA ASN B 35 16.58 -2.39 -13.97
C ASN B 35 16.19 -1.66 -12.67
N TRP B 36 15.99 -0.35 -12.78
CA TRP B 36 15.37 0.46 -11.72
C TRP B 36 14.08 1.10 -12.26
N ILE B 37 13.01 0.97 -11.49
CA ILE B 37 11.66 1.41 -11.78
C ILE B 37 11.14 2.11 -10.50
N ARG B 38 10.44 3.23 -10.62
CA ARG B 38 9.82 3.80 -9.47
C ARG B 38 8.35 4.05 -9.69
N LYS B 39 7.61 4.06 -8.59
CA LYS B 39 6.19 4.36 -8.63
C LYS B 39 5.84 5.57 -7.75
N PHE B 40 5.40 6.64 -8.42
CA PHE B 40 4.98 7.79 -7.77
C PHE B 40 3.62 7.57 -7.14
N PRO B 41 3.28 8.36 -6.14
CA PRO B 41 1.88 8.42 -5.70
C PRO B 41 0.87 8.58 -6.87
N GLY B 42 -0.24 7.88 -6.80
CA GLY B 42 -1.28 7.88 -7.83
C GLY B 42 -0.95 6.76 -8.86
N ASN B 43 -0.09 5.82 -8.46
CA ASN B 43 0.18 4.57 -9.30
C ASN B 43 0.83 4.88 -10.62
N LYS B 44 1.67 5.88 -10.65
CA LYS B 44 2.39 6.25 -11.91
C LYS B 44 3.75 5.56 -11.85
N LEU B 45 3.93 4.60 -12.74
CA LEU B 45 5.18 3.87 -12.82
C LEU B 45 6.10 4.53 -13.85
N GLU B 46 7.34 4.57 -13.51
CA GLU B 46 8.36 5.15 -14.44
C GLU B 46 9.60 4.23 -14.53
N PHE B 47 10.04 3.96 -15.76
CA PHE B 47 11.25 3.18 -16.00
C PHE B 47 12.48 4.08 -15.97
N MET B 48 13.37 3.89 -15.00
CA MET B 48 14.43 4.87 -14.85
C MET B 48 15.66 4.55 -15.67
N GLY B 49 15.98 3.29 -15.78
CA GLY B 49 17.19 2.79 -16.47
C GLY B 49 17.56 1.37 -16.10
N TYR B 50 18.67 0.92 -16.67
CA TYR B 50 19.23 -0.37 -16.37
C TYR B 50 20.70 -0.40 -16.61
N ILE B 51 21.29 -1.49 -16.13
CA ILE B 51 22.68 -1.84 -16.38
C ILE B 51 22.64 -3.27 -17.00
N THR B 52 23.43 -3.47 -18.07
CA THR B 52 23.56 -4.72 -18.73
C THR B 52 24.55 -5.69 -18.03
N TYR B 53 24.55 -6.93 -18.54
CA TYR B 53 25.42 -7.96 -18.04
C TYR B 53 26.87 -7.58 -18.15
N SER B 54 27.23 -6.67 -19.05
CA SER B 54 28.64 -6.29 -19.24
C SER B 54 28.94 -4.94 -18.63
N GLY B 55 27.95 -4.34 -17.97
CA GLY B 55 28.16 -3.10 -17.27
C GLY B 55 27.83 -1.83 -17.98
N THR B 56 27.24 -1.92 -19.18
CA THR B 56 26.74 -0.75 -19.89
C THR B 56 25.38 -0.30 -19.31
N SER B 57 25.19 1.01 -19.14
CA SER B 57 23.97 1.55 -18.55
C SER B 57 23.13 2.29 -19.61
N TYR B 58 21.81 2.26 -19.44
CA TYR B 58 20.85 3.03 -20.23
C TYR B 58 20.06 3.83 -19.21
N TYR B 59 19.83 5.10 -19.51
CA TYR B 59 19.06 5.99 -18.63
C TYR B 59 17.86 6.61 -19.33
N LYS B 60 16.71 6.68 -18.66
CA LYS B 60 15.63 7.47 -19.22
C LYS B 60 16.14 8.87 -19.52
N PRO B 61 15.99 9.40 -20.76
CA PRO B 61 16.59 10.71 -21.10
C PRO B 61 16.28 11.86 -20.12
N SER B 62 15.06 11.93 -19.59
CA SER B 62 14.70 12.99 -18.67
C SER B 62 15.45 12.94 -17.33
N LEU B 63 16.04 11.78 -17.00
CA LEU B 63 16.84 11.60 -15.80
C LEU B 63 18.37 11.64 -16.06
N LYS B 64 18.81 11.59 -17.34
CA LYS B 64 20.23 11.45 -17.67
C LYS B 64 21.15 12.50 -16.98
N SER B 65 20.73 13.75 -16.82
CA SER B 65 21.57 14.73 -16.11
C SER B 65 21.82 14.41 -14.62
N ARG B 66 21.01 13.55 -13.99
CA ARG B 66 21.06 13.35 -12.53
C ARG B 66 21.34 11.93 -12.10
N ILE B 67 21.18 11.00 -13.00
CA ILE B 67 21.12 9.61 -12.64
C ILE B 67 22.45 8.93 -12.98
N SER B 68 22.80 7.92 -12.18
CA SER B 68 23.75 6.92 -12.57
C SER B 68 23.43 5.58 -11.96
N ILE B 69 23.78 4.53 -12.69
CA ILE B 69 23.52 3.17 -12.22
C ILE B 69 24.84 2.50 -12.43
N THR B 70 25.36 1.94 -11.37
CA THR B 70 26.62 1.25 -11.32
C THR B 70 26.42 -0.09 -10.62
N ARG B 71 27.47 -0.91 -10.56
CA ARG B 71 27.37 -2.23 -9.94
C ARG B 71 28.61 -2.74 -9.22
N ASP B 72 28.46 -3.77 -8.43
CA ASP B 72 29.63 -4.45 -7.85
C ASP B 72 29.44 -5.93 -8.10
N THR B 73 30.13 -6.45 -9.13
CA THR B 73 29.82 -7.78 -9.58
C THR B 73 30.26 -8.77 -8.53
N SER B 74 31.35 -8.47 -7.85
CA SER B 74 31.83 -9.33 -6.79
C SER B 74 30.85 -9.44 -5.61
N LYS B 75 29.93 -8.48 -5.42
CA LYS B 75 28.97 -8.59 -4.36
C LYS B 75 27.52 -8.80 -4.88
N ASN B 76 27.39 -8.88 -6.20
CA ASN B 76 26.09 -9.06 -6.81
C ASN B 76 25.11 -7.98 -6.40
N GLN B 77 25.60 -6.74 -6.40
CA GLN B 77 24.80 -5.59 -6.03
C GLN B 77 24.84 -4.60 -7.16
N TYR B 78 23.74 -3.89 -7.37
CA TYR B 78 23.79 -2.74 -8.25
C TYR B 78 23.12 -1.57 -7.59
N PHE B 79 23.44 -0.38 -8.08
CA PHE B 79 23.16 0.82 -7.35
C PHE B 79 22.49 1.86 -8.21
N LEU B 80 21.61 2.62 -7.56
CA LEU B 80 21.02 3.80 -8.14
C LEU B 80 21.51 5.05 -7.43
N GLN B 81 22.01 5.99 -8.18
CA GLN B 81 22.34 7.27 -7.63
C GLN B 81 21.56 8.30 -8.38
N LEU B 82 20.79 9.12 -7.64
CA LEU B 82 20.01 10.19 -8.21
C LEU B 82 20.32 11.51 -7.56
N ASN B 83 20.93 12.41 -8.29
CA ASN B 83 21.45 13.64 -7.67
C ASN B 83 20.38 14.70 -7.59
N SER B 84 20.57 15.67 -6.70
N SER B 84 20.59 15.68 -6.71
CA SER B 84 19.82 16.93 -6.77
CA SER B 84 19.81 16.93 -6.71
C SER B 84 18.29 16.70 -6.69
C SER B 84 18.31 16.64 -6.73
N VAL B 85 17.89 15.83 -5.76
CA VAL B 85 16.50 15.40 -5.65
C VAL B 85 15.58 16.53 -5.22
N THR B 86 14.33 16.42 -5.64
CA THR B 86 13.27 17.31 -5.13
C THR B 86 12.10 16.44 -4.66
N ALA B 87 11.05 17.10 -4.16
CA ALA B 87 9.82 16.36 -3.76
C ALA B 87 9.22 15.55 -4.85
N GLU B 88 9.43 15.94 -6.09
CA GLU B 88 8.99 15.09 -7.25
C GLU B 88 9.65 13.73 -7.35
N ASP B 89 10.71 13.49 -6.56
CA ASP B 89 11.41 12.22 -6.56
C ASP B 89 10.89 11.30 -5.42
N THR B 90 9.93 11.78 -4.63
CA THR B 90 9.25 10.95 -3.64
C THR B 90 8.53 9.80 -4.37
N ALA B 91 8.90 8.57 -4.06
CA ALA B 91 8.37 7.38 -4.74
C ALA B 91 8.69 6.10 -3.99
N THR B 92 8.07 4.99 -4.42
CA THR B 92 8.58 3.69 -4.10
C THR B 92 9.47 3.24 -5.20
N TYR B 93 10.65 2.78 -4.84
CA TYR B 93 11.73 2.41 -5.78
C TYR B 93 11.87 0.89 -5.86
N TYR B 94 11.74 0.34 -7.06
CA TYR B 94 11.89 -1.08 -7.32
C TYR B 94 13.12 -1.40 -8.15
N CYS B 95 13.72 -2.54 -7.84
CA CYS B 95 14.63 -3.13 -8.79
C CYS B 95 13.95 -4.36 -9.43
N ALA B 96 14.32 -4.65 -10.66
CA ALA B 96 13.71 -5.71 -11.38
C ALA B 96 14.67 -6.35 -12.38
N ARG B 97 14.55 -7.65 -12.57
CA ARG B 97 15.37 -8.39 -13.52
C ARG B 97 14.67 -8.56 -14.86
N ARG B 98 15.43 -8.42 -15.94
CA ARG B 98 15.03 -8.93 -17.23
C ARG B 98 16.13 -9.92 -17.60
N GLY B 99 15.96 -11.16 -17.17
CA GLY B 99 16.89 -12.24 -17.45
C GLY B 99 16.34 -13.54 -17.98
N PHE B 100 15.11 -13.87 -17.57
CA PHE B 100 14.49 -15.16 -17.83
C PHE B 100 14.59 -15.32 -19.36
N LEU B 101 15.04 -16.53 -19.81
CA LEU B 101 15.33 -16.73 -21.19
C LEU B 101 14.20 -16.53 -22.15
N THR B 102 13.04 -16.95 -21.69
CA THR B 102 11.84 -17.01 -22.52
C THR B 102 11.29 -15.64 -22.73
N THR B 103 11.53 -14.75 -21.79
CA THR B 103 11.00 -13.43 -21.87
C THR B 103 11.94 -12.27 -22.18
N VAL B 104 13.26 -12.48 -22.03
N VAL B 104 13.24 -12.49 -22.06
CA VAL B 104 14.24 -11.39 -22.13
CA VAL B 104 14.19 -11.39 -22.10
C VAL B 104 14.09 -10.67 -23.47
C VAL B 104 14.12 -10.68 -23.46
N ASN B 105 13.84 -11.41 -24.54
CA ASN B 105 13.71 -10.80 -25.83
C ASN B 105 12.37 -10.15 -26.10
N TYR B 106 11.49 -10.14 -25.12
CA TYR B 106 10.21 -9.43 -25.22
C TYR B 106 10.16 -8.27 -24.22
N TYR B 107 11.30 -7.90 -23.65
CA TYR B 107 11.42 -6.66 -22.91
C TYR B 107 10.46 -6.60 -21.72
N ALA B 108 10.31 -7.75 -21.01
CA ALA B 108 9.53 -7.86 -19.80
C ALA B 108 10.41 -7.85 -18.56
N MET B 109 9.90 -7.27 -17.48
CA MET B 109 10.59 -7.29 -16.21
C MET B 109 10.06 -8.54 -15.50
N ASP B 110 10.83 -9.63 -15.53
CA ASP B 110 10.31 -10.93 -15.13
C ASP B 110 10.34 -11.22 -13.63
N TYR B 111 11.00 -10.38 -12.85
CA TYR B 111 11.07 -10.59 -11.40
C TYR B 111 11.38 -9.26 -10.71
N TRP B 112 10.56 -8.89 -9.75
CA TRP B 112 10.65 -7.64 -9.07
C TRP B 112 10.95 -7.76 -7.60
N GLY B 113 11.67 -6.79 -7.08
CA GLY B 113 11.74 -6.63 -5.64
C GLY B 113 10.47 -6.09 -5.00
N GLN B 114 10.44 -6.09 -3.69
CA GLN B 114 9.34 -5.59 -2.89
C GLN B 114 9.14 -4.06 -3.04
N GLY B 115 10.22 -3.35 -3.24
CA GLY B 115 10.27 -1.90 -3.35
C GLY B 115 10.63 -1.29 -1.99
N THR B 116 11.19 -0.09 -2.03
CA THR B 116 11.50 0.66 -0.86
C THR B 116 11.06 2.11 -1.02
N SER B 117 10.41 2.63 0.01
N SER B 117 10.45 2.62 0.03
CA SER B 117 9.96 4.00 0.01
CA SER B 117 9.85 3.95 0.05
C SER B 117 11.05 5.01 0.27
C SER B 117 10.90 5.04 0.35
N VAL B 118 11.03 6.03 -0.54
CA VAL B 118 11.85 7.22 -0.29
C VAL B 118 10.99 8.46 -0.32
N THR B 119 11.05 9.25 0.75
CA THR B 119 10.44 10.55 0.82
C THR B 119 11.52 11.62 0.70
N VAL B 120 11.32 12.63 -0.15
CA VAL B 120 12.22 13.74 -0.32
C VAL B 120 11.54 14.98 0.33
N SER B 121 12.12 15.46 1.43
CA SER B 121 11.54 16.55 2.22
C SER B 121 12.59 17.14 3.08
N SER B 122 12.49 18.45 3.34
CA SER B 122 13.36 19.12 4.31
C SER B 122 12.87 19.02 5.77
N ALA B 123 11.70 18.40 5.98
CA ALA B 123 11.10 18.36 7.33
C ALA B 123 11.96 17.43 8.20
N LYS B 124 12.12 17.77 9.47
CA LYS B 124 12.66 16.79 10.39
C LYS B 124 11.76 15.50 10.52
N THR B 125 12.34 14.41 11.02
CA THR B 125 11.53 13.27 11.40
C THR B 125 10.75 13.60 12.65
N THR B 126 9.55 13.02 12.75
CA THR B 126 8.75 13.03 13.97
C THR B 126 8.36 11.61 14.24
N PRO B 127 8.66 11.06 15.42
CA PRO B 127 8.34 9.66 15.67
C PRO B 127 6.83 9.57 15.97
N PRO B 128 6.26 8.37 15.84
CA PRO B 128 4.87 8.23 16.22
C PRO B 128 4.68 8.22 17.70
N SER B 129 3.55 8.83 18.13
CA SER B 129 3.09 8.60 19.45
C SER B 129 2.18 7.42 19.39
N VAL B 130 2.45 6.43 20.20
CA VAL B 130 1.66 5.17 20.08
C VAL B 130 0.78 4.99 21.29
N TYR B 131 -0.54 4.92 21.06
CA TYR B 131 -1.46 4.82 22.14
C TYR B 131 -2.27 3.50 22.09
N PRO B 132 -2.40 2.85 23.24
CA PRO B 132 -3.17 1.62 23.35
C PRO B 132 -4.64 1.91 23.34
N LEU B 133 -5.37 1.10 22.59
CA LEU B 133 -6.82 1.14 22.58
C LEU B 133 -7.38 -0.11 23.24
N ALA B 134 -7.80 0.07 24.48
CA ALA B 134 -8.41 -1.00 25.24
C ALA B 134 -9.89 -0.65 25.35
N PRO B 135 -10.77 -1.66 25.38
CA PRO B 135 -12.26 -1.51 25.60
C PRO B 135 -12.75 -0.47 26.63
N SER B 143 -17.70 -13.12 23.03
CA SER B 143 -16.91 -14.22 22.43
C SER B 143 -15.51 -13.80 21.81
N MET B 144 -15.47 -12.63 21.22
CA MET B 144 -14.25 -12.15 20.55
C MET B 144 -14.11 -10.72 21.00
N VAL B 145 -12.88 -10.29 21.25
CA VAL B 145 -12.61 -8.93 21.74
C VAL B 145 -11.66 -8.23 20.76
N THR B 146 -11.99 -6.99 20.42
CA THR B 146 -11.18 -6.20 19.50
C THR B 146 -10.38 -5.16 20.29
N LEU B 147 -9.06 -5.12 20.02
CA LEU B 147 -8.14 -4.24 20.66
C LEU B 147 -7.50 -3.40 19.55
N GLY B 148 -6.85 -2.29 19.91
CA GLY B 148 -6.24 -1.41 18.90
C GLY B 148 -5.01 -0.68 19.34
N CYS B 149 -4.33 -0.04 18.37
CA CYS B 149 -3.18 0.88 18.65
C CYS B 149 -3.40 2.06 17.75
N LEU B 150 -3.32 3.24 18.33
CA LEU B 150 -3.34 4.50 17.55
C LEU B 150 -1.90 4.97 17.39
N VAL B 151 -1.48 5.14 16.15
CA VAL B 151 -0.12 5.47 15.80
C VAL B 151 -0.15 6.85 15.22
N LYS B 152 0.08 7.85 16.08
CA LYS B 152 -0.22 9.20 15.71
C LYS B 152 0.94 10.15 15.51
N GLY B 153 0.81 10.97 14.46
CA GLY B 153 1.58 12.17 14.32
C GLY B 153 3.08 11.93 13.93
N TYR B 154 3.31 11.03 13.02
CA TYR B 154 4.69 10.72 12.58
C TYR B 154 5.00 11.25 11.21
N PHE B 155 6.31 11.35 10.95
CA PHE B 155 6.75 11.74 9.61
C PHE B 155 8.20 11.26 9.43
N PRO B 156 8.54 10.73 8.26
CA PRO B 156 7.75 10.38 7.11
C PRO B 156 7.11 8.99 7.24
N GLU B 157 6.32 8.60 6.24
N GLU B 157 6.38 8.61 6.19
CA GLU B 157 6.01 7.18 6.05
CA GLU B 157 6.04 7.21 5.92
C GLU B 157 7.33 6.46 5.69
C GLU B 157 7.37 6.46 5.68
N PRO B 158 7.42 5.15 5.92
CA PRO B 158 6.45 4.23 6.52
C PRO B 158 6.69 3.91 7.96
N VAL B 159 5.66 3.38 8.60
CA VAL B 159 5.80 2.62 9.85
C VAL B 159 5.46 1.15 9.60
N THR B 160 5.91 0.27 10.47
CA THR B 160 5.50 -1.13 10.39
C THR B 160 4.84 -1.44 11.77
N VAL B 161 3.60 -1.94 11.73
CA VAL B 161 2.91 -2.37 12.91
C VAL B 161 2.74 -3.88 12.94
N THR B 162 3.09 -4.47 14.09
CA THR B 162 2.90 -5.88 14.35
C THR B 162 2.19 -6.08 15.66
N TRP B 163 1.63 -7.26 15.85
CA TRP B 163 1.02 -7.61 17.12
C TRP B 163 1.71 -8.82 17.69
N ASN B 164 2.04 -8.75 18.99
CA ASN B 164 2.78 -9.75 19.67
C ASN B 164 4.03 -10.22 18.88
N SER B 165 4.72 -9.24 18.35
CA SER B 165 5.92 -9.44 17.56
C SER B 165 5.70 -10.29 16.28
N GLY B 166 4.48 -10.29 15.74
CA GLY B 166 4.17 -11.06 14.51
C GLY B 166 3.45 -12.31 14.76
N SER B 167 3.41 -12.75 16.03
CA SER B 167 2.73 -14.00 16.34
C SER B 167 1.22 -13.92 16.20
N LEU B 168 0.68 -12.71 16.34
CA LEU B 168 -0.75 -12.49 16.09
C LEU B 168 -0.82 -11.83 14.76
N SER B 169 -1.21 -12.60 13.75
CA SER B 169 -1.29 -12.04 12.40
C SER B 169 -2.71 -12.13 11.82
N SER B 170 -3.49 -13.13 12.21
CA SER B 170 -4.88 -13.20 11.81
C SER B 170 -5.71 -12.20 12.59
N GLY B 171 -6.77 -11.73 11.97
CA GLY B 171 -7.71 -10.84 12.64
C GLY B 171 -7.21 -9.43 12.79
N VAL B 172 -6.14 -9.08 12.06
CA VAL B 172 -5.52 -7.77 12.14
C VAL B 172 -5.99 -6.91 10.95
N HIS B 173 -6.29 -5.64 11.25
CA HIS B 173 -6.49 -4.60 10.23
C HIS B 173 -5.63 -3.46 10.56
N THR B 174 -4.76 -3.10 9.63
CA THR B 174 -3.94 -1.93 9.77
C THR B 174 -4.42 -0.94 8.71
N PHE B 175 -4.87 0.24 9.11
CA PHE B 175 -5.55 1.19 8.31
C PHE B 175 -4.50 2.08 7.64
N PRO B 176 -4.75 2.48 6.40
CA PRO B 176 -3.72 3.26 5.76
C PRO B 176 -3.49 4.58 6.45
N ALA B 177 -2.23 5.01 6.43
CA ALA B 177 -1.87 6.33 7.04
C ALA B 177 -2.48 7.46 6.26
N VAL B 178 -2.92 8.51 6.96
CA VAL B 178 -3.41 9.73 6.32
C VAL B 178 -2.63 10.95 6.79
N LEU B 179 -2.28 11.83 5.85
CA LEU B 179 -1.56 13.05 6.13
C LEU B 179 -2.49 14.18 6.52
N GLN B 180 -2.24 14.79 7.67
CA GLN B 180 -3.06 15.92 8.19
C GLN B 180 -2.14 16.78 9.08
N SER B 181 -2.18 18.07 8.83
CA SER B 181 -1.26 19.02 9.52
C SER B 181 0.18 18.57 9.45
N ASP B 182 0.59 18.14 8.26
CA ASP B 182 1.99 17.77 7.96
C ASP B 182 2.50 16.47 8.61
N LEU B 183 1.63 15.71 9.26
CA LEU B 183 2.00 14.43 9.93
C LEU B 183 1.02 13.34 9.60
N TYR B 184 1.49 12.08 9.71
CA TYR B 184 0.69 10.96 9.37
C TYR B 184 0.12 10.39 10.62
N THR B 185 -1.07 9.82 10.49
CA THR B 185 -1.64 8.99 11.54
C THR B 185 -2.25 7.74 10.94
N LEU B 186 -2.06 6.63 11.63
CA LEU B 186 -2.77 5.40 11.33
C LEU B 186 -3.16 4.70 12.58
N SER B 187 -3.97 3.66 12.42
CA SER B 187 -4.41 2.85 13.53
C SER B 187 -4.42 1.42 13.04
N SER B 188 -4.45 0.50 13.98
CA SER B 188 -4.50 -0.89 13.72
C SER B 188 -5.37 -1.59 14.76
N SER B 189 -6.16 -2.57 14.32
CA SER B 189 -6.96 -3.35 15.22
C SER B 189 -6.59 -4.79 15.15
N VAL B 190 -6.83 -5.48 16.24
CA VAL B 190 -6.62 -6.89 16.28
C VAL B 190 -7.83 -7.49 17.03
N THR B 191 -8.37 -8.59 16.52
CA THR B 191 -9.48 -9.31 17.18
C THR B 191 -8.99 -10.69 17.63
N VAL B 192 -9.23 -11.02 18.91
CA VAL B 192 -8.82 -12.29 19.52
C VAL B 192 -9.96 -12.90 20.35
N PRO B 193 -9.86 -14.20 20.65
CA PRO B 193 -10.90 -14.75 21.48
C PRO B 193 -10.93 -14.09 22.87
N SER B 194 -12.12 -13.94 23.43
CA SER B 194 -12.29 -13.39 24.78
C SER B 194 -11.52 -14.14 25.86
N SER B 195 -11.34 -15.44 25.64
CA SER B 195 -10.59 -16.27 26.57
C SER B 195 -9.05 -16.16 26.44
N THR B 196 -8.56 -15.29 25.58
CA THR B 196 -7.12 -15.06 25.45
C THR B 196 -6.64 -13.73 26.01
N TRP B 197 -7.54 -12.75 26.07
CA TRP B 197 -7.22 -11.44 26.63
C TRP B 197 -8.30 -11.09 27.65
N PRO B 198 -7.92 -10.53 28.80
CA PRO B 198 -6.56 -10.16 29.15
C PRO B 198 -5.71 -11.25 29.73
N SER B 199 -6.19 -12.49 29.83
CA SER B 199 -5.41 -13.51 30.54
C SER B 199 -3.99 -13.62 29.99
N GLU B 200 -3.83 -13.47 28.68
CA GLU B 200 -2.53 -13.42 28.00
C GLU B 200 -2.33 -12.06 27.34
N THR B 201 -1.10 -11.65 27.26
CA THR B 201 -0.84 -10.29 26.90
C THR B 201 -0.97 -10.10 25.38
N VAL B 202 -1.38 -8.89 24.98
CA VAL B 202 -1.41 -8.47 23.61
C VAL B 202 -0.72 -7.14 23.55
N THR B 203 0.28 -7.04 22.67
CA THR B 203 1.16 -5.86 22.58
C THR B 203 1.24 -5.43 21.12
N CYS B 204 1.07 -4.12 20.81
CA CYS B 204 1.38 -3.69 19.47
C CYS B 204 2.81 -3.18 19.42
N ASN B 205 3.47 -3.52 18.32
CA ASN B 205 4.85 -3.09 18.09
C ASN B 205 4.87 -2.19 16.90
N VAL B 206 5.53 -1.04 17.01
CA VAL B 206 5.56 -0.06 15.99
C VAL B 206 6.98 0.35 15.71
N ALA B 207 7.45 0.08 14.48
CA ALA B 207 8.74 0.52 14.02
C ALA B 207 8.64 1.68 13.07
N HIS B 208 9.49 2.70 13.27
CA HIS B 208 9.57 3.87 12.40
C HIS B 208 11.07 4.03 12.05
N PRO B 209 11.54 3.32 11.01
CA PRO B 209 12.94 3.28 10.80
C PRO B 209 13.56 4.67 10.47
N ALA B 210 12.77 5.57 9.85
CA ALA B 210 13.29 6.91 9.51
C ALA B 210 13.73 7.71 10.78
N SER B 211 13.03 7.51 11.92
CA SER B 211 13.45 8.11 13.18
C SER B 211 14.18 7.17 14.12
N SER B 212 14.56 5.97 13.60
CA SER B 212 15.30 5.00 14.40
C SER B 212 14.54 4.59 15.65
N THR B 213 13.23 4.50 15.55
CA THR B 213 12.45 4.19 16.71
C THR B 213 11.68 2.89 16.57
N LYS B 214 11.57 2.15 17.65
CA LYS B 214 10.74 0.97 17.66
C LYS B 214 10.24 0.82 19.04
N VAL B 215 8.90 0.81 19.22
CA VAL B 215 8.24 0.74 20.52
C VAL B 215 7.20 -0.32 20.63
N ASP B 216 7.00 -0.78 21.85
CA ASP B 216 5.97 -1.75 22.18
C ASP B 216 4.96 -1.07 23.09
N LYS B 217 3.67 -1.32 22.87
CA LYS B 217 2.62 -0.85 23.81
C LYS B 217 1.69 -1.99 24.14
N LYS B 218 1.75 -2.38 25.39
CA LYS B 218 0.92 -3.42 25.89
C LYS B 218 -0.48 -2.87 26.06
N ILE B 219 -1.46 -3.65 25.65
CA ILE B 219 -2.86 -3.28 25.85
C ILE B 219 -3.33 -3.83 27.21
N VAL B 220 -3.55 -2.93 28.17
CA VAL B 220 -3.96 -3.30 29.54
C VAL B 220 -5.44 -3.02 29.71
N PRO B 221 -6.16 -3.89 30.41
CA PRO B 221 -7.57 -3.51 30.64
C PRO B 221 -7.65 -2.19 31.40
N ARG B 222 -8.67 -1.36 31.12
CA ARG B 222 -8.82 -0.08 31.89
C ARG B 222 -9.36 -0.24 33.31
#